data_7HKS
#
_entry.id   7HKS
#
_cell.length_a   82.192
_cell.length_b   115.770
_cell.length_c   148.051
_cell.angle_alpha   90.00
_cell.angle_beta   90.00
_cell.angle_gamma   90.00
#
_symmetry.space_group_name_H-M   'I 2 2 2'
#
loop_
_entity.id
_entity.type
_entity.pdbx_description
1 polymer 'Genome polyprotein'
2 non-polymer 'ZINC ION'
3 non-polymer '2-(N-MORPHOLINO)-ETHANESULFONIC ACID'
4 non-polymer 'DIMETHYL SULFOXIDE'
5 non-polymer 'PHOSPHATE ION'
6 non-polymer DI(HYDROXYETHYL)ETHER
7 non-polymer 4-(4-fluorophenyl)piperazine-1-carboxamide
8 water water
#
_entity_poly.entity_id   1
_entity_poly.type   'polypeptide(L)'
_entity_poly.pdbx_seq_one_letter_code
;GPGIESETPNLDIIGKRIEKIKQEHETSWHYDQDHPYKTWAYHGSYETKQTGSASSMVNGVVRLLTKPWDIIPMVTQMAM
TDTTPFGQQRVFKEKVDTRTQEPKEGTKKLMKITAEWLWKELGKKKTPRMCTREEFTRKVRSNAALGAIFTDENKWKSAR
EAVEDSGFWELVDKERNLHLEGKCETCVYNMMGKREKKLGEFGKAKGSRAIWYMWLGARFLEFEALGFLNEDHWFSRENS
LSGVEGEGLHKLGYILRDVSKKEGGAMYADDTAGWDTRITLEDLKNEEMVTNHMEGEHKKLAEAIFKLTYQNKVVRVQRP
TPRGTVMDIISRRDQRGSGQVVTYGLNTFTNMEAQLIRQMEGEGVFKSIQHLTVTEEIAVKNWLVRVGRERLSRMAISGD
DCVVKPLDDRFASALTALNDMGKVRKDIQQWEPSRGWNDWTQVPFCSHHFHELIMKDGRVLVVPCRNQDELIGRARISQG
AGWSLRETACLGKSYAQMWSLMYFHRRDLRLAANAICSAVPSHWVPTSRTTWSIHATHEWMTTEDMLTVWNRVWIQENPW
MEDKTPVESWEEIPYLGKREDQWCGSLIGLTSRATWAKNIQTAINQVRSLIGNEEYTDYMPSMKRFRREEEEAGVLW
;
_entity_poly.pdbx_strand_id   A
#
loop_
_chem_comp.id
_chem_comp.type
_chem_comp.name
_chem_comp.formula
DMS non-polymer 'DIMETHYL SULFOXIDE' 'C2 H6 O S'
MES non-polymer '2-(N-MORPHOLINO)-ETHANESULFONIC ACID' 'C6 H13 N O4 S'
O1M non-polymer 4-(4-fluorophenyl)piperazine-1-carboxamide 'C11 H14 F N3 O'
PEG non-polymer DI(HYDROXYETHYL)ETHER 'C4 H10 O3'
PO4 non-polymer 'PHOSPHATE ION' 'O4 P -3'
ZN non-polymer 'ZINC ION' 'Zn 2'
#
# COMPACT_ATOMS: atom_id res chain seq x y z
N ASN A 10 8.91 -8.04 -29.50
CA ASN A 10 7.44 -7.98 -29.79
C ASN A 10 6.90 -9.42 -29.75
N LEU A 11 6.31 -9.91 -30.86
CA LEU A 11 5.35 -11.05 -30.87
C LEU A 11 6.06 -12.39 -30.64
N ASP A 12 7.39 -12.44 -30.74
CA ASP A 12 8.15 -13.68 -30.42
C ASP A 12 8.01 -13.98 -28.92
N ILE A 13 8.03 -12.94 -28.06
CA ILE A 13 8.00 -13.07 -26.57
C ILE A 13 6.57 -13.31 -26.09
N ILE A 14 5.59 -12.69 -26.73
CA ILE A 14 4.16 -12.74 -26.33
C ILE A 14 3.36 -13.68 -27.25
N GLY A 15 3.91 -14.00 -28.44
CA GLY A 15 3.24 -14.85 -29.45
C GLY A 15 2.76 -16.17 -28.88
N LYS A 16 3.66 -16.91 -28.21
CA LYS A 16 3.40 -18.23 -27.58
C LYS A 16 2.22 -18.13 -26.60
N ARG A 17 2.24 -17.12 -25.74
CA ARG A 17 1.13 -16.83 -24.78
C ARG A 17 -0.14 -16.54 -25.57
N ILE A 18 -0.03 -15.76 -26.64
CA ILE A 18 -1.19 -15.32 -27.47
C ILE A 18 -1.70 -16.54 -28.25
N GLU A 19 -0.77 -17.34 -28.80
CA GLU A 19 -1.09 -18.56 -29.60
C GLU A 19 -1.86 -19.54 -28.72
N LYS A 20 -1.51 -19.65 -27.43
CA LYS A 20 -2.10 -20.64 -26.49
C LYS A 20 -3.55 -20.26 -26.18
N ILE A 21 -3.82 -18.97 -25.91
CA ILE A 21 -5.17 -18.48 -25.55
C ILE A 21 -6.09 -18.63 -26.76
N LYS A 22 -5.58 -18.31 -27.96
CA LYS A 22 -6.31 -18.38 -29.25
C LYS A 22 -7.06 -19.72 -29.33
N GLN A 23 -6.42 -20.81 -28.90
CA GLN A 23 -6.82 -22.21 -29.20
C GLN A 23 -7.68 -22.82 -28.09
N GLU A 24 -7.70 -22.24 -26.88
CA GLU A 24 -8.67 -22.63 -25.83
C GLU A 24 -10.04 -22.07 -26.22
N HIS A 25 -10.06 -21.13 -27.18
CA HIS A 25 -11.28 -20.42 -27.65
C HIS A 25 -11.25 -20.33 -29.19
N GLU A 26 -11.06 -21.48 -29.87
CA GLU A 26 -11.05 -21.62 -31.36
C GLU A 26 -12.48 -21.42 -31.91
N THR A 27 -13.50 -21.75 -31.09
CA THR A 27 -14.93 -21.51 -31.38
C THR A 27 -15.32 -20.12 -30.84
N SER A 28 -14.59 -19.05 -31.21
CA SER A 28 -14.84 -17.65 -30.77
C SER A 28 -13.90 -16.65 -31.49
N TRP A 29 -12.58 -16.89 -31.51
CA TRP A 29 -11.54 -15.92 -31.92
C TRP A 29 -12.06 -15.01 -33.06
N HIS A 30 -12.13 -13.70 -32.83
CA HIS A 30 -12.55 -12.69 -33.84
C HIS A 30 -11.76 -11.38 -33.66
N TYR A 31 -10.96 -11.01 -34.66
CA TYR A 31 -10.18 -9.75 -34.70
C TYR A 31 -11.15 -8.57 -34.90
N ASP A 32 -11.70 -8.06 -33.80
CA ASP A 32 -12.69 -6.93 -33.79
C ASP A 32 -12.05 -5.69 -34.42
N GLN A 33 -12.81 -4.99 -35.28
CA GLN A 33 -12.40 -3.76 -36.00
C GLN A 33 -12.87 -2.53 -35.22
N ASP A 34 -13.85 -2.69 -34.33
CA ASP A 34 -14.39 -1.62 -33.43
C ASP A 34 -13.74 -1.77 -32.04
N HIS A 35 -12.41 -1.96 -31.99
CA HIS A 35 -11.65 -2.15 -30.73
C HIS A 35 -11.19 -0.78 -30.21
N PRO A 36 -11.46 -0.46 -28.93
CA PRO A 36 -11.20 0.88 -28.38
C PRO A 36 -9.74 1.25 -28.06
N TYR A 37 -8.78 0.39 -28.37
CA TYR A 37 -7.37 0.53 -27.91
C TYR A 37 -6.60 1.40 -28.91
N LYS A 38 -5.90 2.41 -28.37
CA LYS A 38 -4.90 3.20 -29.14
C LYS A 38 -3.48 2.91 -28.62
N THR A 39 -3.28 2.84 -27.30
CA THR A 39 -1.95 2.70 -26.67
C THR A 39 -1.65 1.24 -26.34
N TRP A 40 -2.69 0.44 -26.04
CA TRP A 40 -2.60 -1.04 -25.88
C TRP A 40 -2.68 -1.69 -27.26
N ALA A 41 -1.66 -2.47 -27.64
CA ALA A 41 -1.71 -3.38 -28.83
C ALA A 41 -2.80 -4.42 -28.61
N TYR A 42 -3.61 -4.65 -29.66
CA TYR A 42 -4.79 -5.57 -29.67
C TYR A 42 -4.44 -6.81 -30.50
N HIS A 43 -5.00 -7.96 -30.12
CA HIS A 43 -4.63 -9.23 -30.79
C HIS A 43 -5.87 -10.05 -31.18
N GLY A 44 -6.97 -9.95 -30.44
CA GLY A 44 -8.22 -10.66 -30.75
C GLY A 44 -9.19 -10.64 -29.60
N SER A 45 -10.30 -11.35 -29.72
CA SER A 45 -11.41 -11.42 -28.72
C SER A 45 -11.91 -12.87 -28.61
N TYR A 46 -12.86 -13.13 -27.70
CA TYR A 46 -13.57 -14.43 -27.52
C TYR A 46 -14.71 -14.29 -26.49
N GLU A 47 -15.62 -15.27 -26.45
CA GLU A 47 -16.92 -15.21 -25.72
C GLU A 47 -16.72 -15.43 -24.21
N THR A 48 -17.43 -14.64 -23.37
CA THR A 48 -17.42 -14.68 -21.88
C THR A 48 -18.69 -13.98 -21.35
N LYS A 49 -18.90 -13.96 -20.03
CA LYS A 49 -20.06 -13.31 -19.35
C LYS A 49 -19.94 -13.45 -17.83
N GLN A 50 -19.81 -12.33 -17.09
CA GLN A 50 -19.79 -12.30 -15.59
C GLN A 50 -19.73 -10.83 -15.11
N THR A 51 -19.66 -10.64 -13.78
CA THR A 51 -19.65 -9.32 -13.07
C THR A 51 -19.63 -8.17 -14.08
N ALA A 54 -18.22 -7.77 -7.58
CA ALA A 54 -18.10 -7.78 -6.11
C ALA A 54 -18.24 -6.37 -5.54
N SER A 55 -19.45 -5.99 -5.12
CA SER A 55 -19.81 -4.66 -4.55
C SER A 55 -19.74 -4.71 -3.03
N SER A 56 -19.32 -3.61 -2.40
CA SER A 56 -19.13 -3.46 -0.93
C SER A 56 -20.45 -3.68 -0.19
N MET A 57 -20.43 -4.50 0.88
CA MET A 57 -21.61 -4.81 1.76
C MET A 57 -21.46 -4.07 3.09
N VAL A 58 -22.55 -3.78 3.79
CA VAL A 58 -22.44 -3.04 5.09
C VAL A 58 -22.24 -4.01 6.26
N ASN A 59 -21.34 -3.64 7.19
CA ASN A 59 -21.12 -4.33 8.47
C ASN A 59 -22.14 -3.89 9.50
N GLY A 60 -23.16 -4.72 9.74
CA GLY A 60 -24.28 -4.39 10.65
C GLY A 60 -23.90 -4.20 12.11
N VAL A 61 -22.88 -4.92 12.59
CA VAL A 61 -22.41 -4.76 13.98
C VAL A 61 -21.87 -3.33 14.14
N VAL A 62 -21.02 -2.86 13.22
CA VAL A 62 -20.39 -1.52 13.31
C VAL A 62 -21.49 -0.45 13.07
N ARG A 63 -22.37 -0.65 12.10
CA ARG A 63 -23.40 0.37 11.83
C ARG A 63 -24.34 0.52 13.03
N LEU A 64 -24.88 -0.56 13.61
CA LEU A 64 -25.75 -0.43 14.78
C LEU A 64 -25.08 0.31 15.94
N LEU A 65 -23.77 0.27 16.09
CA LEU A 65 -23.06 0.92 17.23
C LEU A 65 -22.51 2.30 16.84
N THR A 66 -22.87 2.81 15.66
CA THR A 66 -22.45 4.16 15.20
C THR A 66 -23.68 4.88 14.65
N LYS A 67 -24.80 4.85 15.35
CA LYS A 67 -26.09 5.41 14.87
C LYS A 67 -25.97 6.88 14.43
N PRO A 68 -25.27 7.79 15.14
CA PRO A 68 -25.26 9.20 14.73
C PRO A 68 -24.77 9.42 13.29
N TRP A 69 -23.96 8.49 12.78
CA TRP A 69 -23.34 8.62 11.45
C TRP A 69 -24.29 8.13 10.36
N ASP A 70 -25.47 7.60 10.72
CA ASP A 70 -26.47 7.14 9.72
C ASP A 70 -26.99 8.32 8.89
N ILE A 71 -26.81 9.56 9.35
CA ILE A 71 -27.37 10.77 8.68
C ILE A 71 -26.21 11.65 8.17
N ILE A 72 -24.98 11.15 8.19
CA ILE A 72 -23.79 11.88 7.67
C ILE A 72 -23.45 11.35 6.30
N PRO A 73 -23.77 12.11 5.22
CA PRO A 73 -23.50 11.66 3.84
C PRO A 73 -22.08 11.23 3.55
N MET A 74 -21.05 11.87 4.14
CA MET A 74 -19.67 11.45 3.83
C MET A 74 -19.45 10.00 4.31
N VAL A 75 -20.15 9.57 5.35
CA VAL A 75 -20.11 8.15 5.83
C VAL A 75 -21.01 7.30 4.96
N THR A 76 -22.27 7.66 4.80
CA THR A 76 -23.27 6.75 4.19
C THR A 76 -23.02 6.57 2.69
N GLN A 77 -22.42 7.57 2.02
CA GLN A 77 -22.16 7.47 0.56
C GLN A 77 -20.99 6.54 0.28
N MET A 78 -20.08 6.34 1.24
CA MET A 78 -18.89 5.48 1.04
C MET A 78 -19.33 4.03 0.76
N ALA A 79 -20.48 3.59 1.26
CA ALA A 79 -20.97 2.20 1.07
C ALA A 79 -21.77 2.01 -0.22
N MET A 80 -22.06 3.06 -0.99
CA MET A 80 -22.95 2.94 -2.18
C MET A 80 -22.14 2.56 -3.43
N THR A 81 -22.81 2.04 -4.47
CA THR A 81 -22.30 1.95 -5.86
C THR A 81 -21.49 0.69 -6.10
N PHE A 92 -9.01 5.12 -13.03
CA PHE A 92 -9.44 5.78 -14.29
C PHE A 92 -8.96 4.94 -15.48
N LYS A 93 -9.88 4.28 -16.20
CA LYS A 93 -9.56 3.39 -17.35
C LYS A 93 -9.36 4.24 -18.62
N GLU A 94 -9.55 5.57 -18.51
CA GLU A 94 -9.12 6.60 -19.51
C GLU A 94 -7.68 7.04 -19.21
N LYS A 95 -7.10 6.56 -18.10
CA LYS A 95 -5.70 6.83 -17.68
C LYS A 95 -4.79 5.66 -18.05
N VAL A 96 -5.30 4.42 -18.06
CA VAL A 96 -4.53 3.20 -18.44
C VAL A 96 -4.21 3.27 -19.94
N ASP A 97 -5.10 3.84 -20.75
CA ASP A 97 -4.95 3.95 -22.23
C ASP A 97 -4.27 5.28 -22.58
N THR A 98 -3.25 5.71 -21.81
CA THR A 98 -2.40 6.90 -22.10
C THR A 98 -0.96 6.43 -22.43
N ARG A 99 -0.08 7.34 -22.85
CA ARG A 99 1.28 7.00 -23.38
C ARG A 99 2.31 8.02 -22.89
N THR A 100 3.21 7.61 -21.97
CA THR A 100 4.32 8.46 -21.45
C THR A 100 5.44 8.47 -22.48
N GLN A 101 6.02 9.66 -22.76
CA GLN A 101 7.06 9.88 -23.78
C GLN A 101 8.42 9.37 -23.28
N GLU A 102 9.33 9.11 -24.22
CA GLU A 102 10.76 8.74 -23.95
C GLU A 102 11.46 9.94 -23.29
N PRO A 103 12.06 9.76 -22.09
CA PRO A 103 12.88 10.81 -21.50
C PRO A 103 14.04 11.17 -22.44
N LYS A 104 14.57 12.39 -22.29
CA LYS A 104 15.78 12.90 -22.96
C LYS A 104 17.02 12.14 -22.44
N GLU A 105 18.16 12.33 -23.09
CA GLU A 105 19.37 11.51 -22.90
C GLU A 105 20.03 11.85 -21.56
N GLY A 106 20.01 13.12 -21.16
CA GLY A 106 20.52 13.55 -19.85
C GLY A 106 19.69 12.95 -18.72
N THR A 107 18.36 12.93 -18.87
CA THR A 107 17.40 12.30 -17.92
C THR A 107 17.73 10.80 -17.79
N LYS A 108 17.79 10.09 -18.92
CA LYS A 108 18.16 8.64 -18.98
C LYS A 108 19.49 8.36 -18.26
N LYS A 109 20.50 9.20 -18.44
CA LYS A 109 21.84 9.05 -17.79
C LYS A 109 21.77 9.28 -16.28
N LEU A 110 21.06 10.33 -15.82
CA LEU A 110 20.80 10.63 -14.38
C LEU A 110 20.13 9.41 -13.72
N MET A 111 19.13 8.85 -14.37
CA MET A 111 18.35 7.70 -13.84
C MET A 111 19.24 6.45 -13.76
N LYS A 112 20.03 6.17 -14.81
CA LYS A 112 20.88 4.95 -14.86
C LYS A 112 21.96 5.08 -13.78
N ILE A 113 22.63 6.23 -13.67
CA ILE A 113 23.69 6.44 -12.65
C ILE A 113 23.05 6.30 -11.26
N THR A 114 21.87 6.91 -11.05
CA THR A 114 21.24 6.91 -9.69
C THR A 114 20.78 5.48 -9.33
N ALA A 115 20.13 4.80 -10.27
CA ALA A 115 19.63 3.42 -10.09
C ALA A 115 20.80 2.47 -9.75
N GLU A 116 21.92 2.61 -10.47
CA GLU A 116 23.10 1.72 -10.27
C GLU A 116 23.62 1.92 -8.85
N TRP A 117 23.80 3.18 -8.43
CA TRP A 117 24.24 3.53 -7.07
C TRP A 117 23.24 3.03 -6.00
N LEU A 118 21.93 3.11 -6.27
CA LEU A 118 20.88 2.83 -5.25
C LEU A 118 20.81 1.32 -4.97
N TRP A 119 20.80 0.49 -6.02
CA TRP A 119 20.88 -0.99 -5.89
C TRP A 119 22.14 -1.41 -5.12
N LYS A 120 23.26 -0.73 -5.31
CA LYS A 120 24.49 -1.08 -4.55
C LYS A 120 24.31 -0.72 -3.08
N GLU A 121 23.77 0.46 -2.77
CA GLU A 121 23.53 0.83 -1.37
C GLU A 121 22.59 -0.16 -0.72
N LEU A 122 21.52 -0.55 -1.43
CA LEU A 122 20.44 -1.39 -0.81
C LEU A 122 21.05 -2.79 -0.56
N GLY A 123 21.98 -3.20 -1.42
CA GLY A 123 22.60 -4.54 -1.43
C GLY A 123 23.79 -4.64 -0.49
N LYS A 124 24.26 -3.53 0.08
CA LYS A 124 25.48 -3.56 0.96
C LYS A 124 25.28 -4.52 2.16
N LYS A 125 24.12 -4.53 2.79
CA LYS A 125 23.89 -5.33 4.03
C LYS A 125 22.81 -6.39 3.79
N LYS A 126 22.49 -6.69 2.54
CA LYS A 126 21.45 -7.70 2.19
C LYS A 126 22.02 -8.64 1.14
N THR A 127 21.53 -9.87 1.14
CA THR A 127 21.85 -10.91 0.13
C THR A 127 20.61 -11.30 -0.65
N PRO A 128 20.52 -11.04 -1.96
CA PRO A 128 19.41 -11.55 -2.73
C PRO A 128 19.38 -13.08 -2.63
N ARG A 129 18.18 -13.65 -2.68
CA ARG A 129 17.99 -15.12 -2.48
C ARG A 129 16.62 -15.49 -3.06
N MET A 130 16.47 -16.76 -3.42
CA MET A 130 15.20 -17.29 -3.96
C MET A 130 14.25 -17.50 -2.78
N CYS A 131 12.98 -17.22 -2.98
CA CYS A 131 11.90 -17.59 -2.05
C CYS A 131 11.37 -18.98 -2.46
N THR A 132 10.85 -19.75 -1.51
CA THR A 132 10.66 -21.22 -1.70
C THR A 132 9.18 -21.58 -1.80
N ARG A 133 8.93 -22.71 -2.46
CA ARG A 133 7.62 -23.43 -2.46
C ARG A 133 7.09 -23.49 -1.03
N GLU A 134 7.98 -23.77 -0.09
CA GLU A 134 7.66 -23.94 1.35
C GLU A 134 7.17 -22.59 1.89
N GLU A 135 7.88 -21.47 1.68
CA GLU A 135 7.42 -20.14 2.16
C GLU A 135 6.07 -19.79 1.50
N PHE A 136 5.95 -20.02 0.19
CA PHE A 136 4.75 -19.67 -0.60
C PHE A 136 3.52 -20.38 -0.02
N THR A 137 3.66 -21.68 0.25
CA THR A 137 2.61 -22.55 0.85
C THR A 137 2.16 -21.98 2.20
N ARG A 138 3.10 -21.68 3.09
CA ARG A 138 2.76 -21.21 4.46
C ARG A 138 1.96 -19.91 4.36
N LYS A 139 2.25 -19.05 3.38
CA LYS A 139 1.58 -17.75 3.21
C LYS A 139 0.13 -17.99 2.76
N VAL A 140 -0.05 -18.85 1.75
CA VAL A 140 -1.39 -19.13 1.14
C VAL A 140 -2.28 -19.80 2.19
N ARG A 141 -1.68 -20.41 3.23
CA ARG A 141 -2.40 -21.12 4.30
C ARG A 141 -2.62 -20.19 5.51
N SER A 142 -2.50 -18.87 5.33
CA SER A 142 -2.91 -17.85 6.34
C SER A 142 -3.35 -16.53 5.67
N ASN A 143 -3.57 -16.54 4.34
CA ASN A 143 -4.22 -15.44 3.57
C ASN A 143 -3.41 -14.15 3.64
N ALA A 144 -2.54 -13.92 2.65
CA ALA A 144 -2.15 -12.59 2.15
C ALA A 144 -2.84 -12.42 0.78
N ALA A 145 -2.97 -11.18 0.29
CA ALA A 145 -3.62 -10.86 -1.00
C ALA A 145 -2.65 -11.11 -2.16
N LEU A 146 -2.32 -12.38 -2.43
CA LEU A 146 -1.37 -12.81 -3.51
C LEU A 146 -2.13 -12.95 -4.84
N GLY A 147 -2.99 -11.97 -5.16
CA GLY A 147 -3.92 -11.97 -6.31
C GLY A 147 -3.70 -13.13 -7.26
N ALA A 148 -4.43 -14.24 -7.07
CA ALA A 148 -4.49 -15.40 -7.99
C ALA A 148 -5.92 -15.51 -8.56
N ILE A 149 -6.23 -16.61 -9.25
CA ILE A 149 -7.59 -16.88 -9.84
C ILE A 149 -8.18 -18.12 -9.16
N PHE A 150 -9.51 -18.30 -9.28
CA PHE A 150 -10.26 -19.51 -8.83
C PHE A 150 -9.55 -20.77 -9.32
N ASN A 154 -10.83 -22.09 -14.31
CA ASN A 154 -10.74 -22.53 -12.89
C ASN A 154 -10.62 -24.06 -12.85
N LYS A 155 -9.53 -24.56 -12.25
CA LYS A 155 -9.17 -26.01 -12.18
C LYS A 155 -9.15 -26.47 -10.71
N TRP A 156 -8.65 -25.63 -9.79
CA TRP A 156 -8.82 -25.74 -8.31
C TRP A 156 -9.68 -24.58 -7.81
N LYS A 157 -10.38 -24.75 -6.69
CA LYS A 157 -11.27 -23.69 -6.11
C LYS A 157 -10.38 -22.54 -5.62
N SER A 158 -9.85 -22.64 -4.40
CA SER A 158 -8.96 -21.64 -3.78
C SER A 158 -7.49 -21.99 -4.11
N ALA A 159 -6.58 -21.09 -3.76
CA ALA A 159 -5.11 -21.31 -3.83
C ALA A 159 -4.73 -22.39 -2.81
N ARG A 160 -5.44 -22.41 -1.67
CA ARG A 160 -5.20 -23.32 -0.52
C ARG A 160 -5.17 -24.78 -1.00
N GLU A 161 -5.98 -25.15 -2.00
CA GLU A 161 -6.07 -26.54 -2.52
C GLU A 161 -4.93 -26.81 -3.51
N ALA A 162 -4.71 -25.91 -4.47
CA ALA A 162 -3.70 -26.02 -5.57
C ALA A 162 -2.32 -26.37 -4.98
N VAL A 163 -2.01 -25.76 -3.84
CA VAL A 163 -0.65 -25.76 -3.22
C VAL A 163 -0.34 -27.15 -2.66
N GLU A 164 -1.35 -27.98 -2.41
CA GLU A 164 -1.18 -29.37 -1.90
C GLU A 164 -1.04 -30.36 -3.08
N ASP A 165 -1.58 -30.00 -4.25
CA ASP A 165 -1.68 -30.88 -5.44
C ASP A 165 -0.38 -30.79 -6.25
N SER A 166 0.33 -31.93 -6.38
CA SER A 166 1.58 -32.08 -7.17
C SER A 166 1.36 -31.71 -8.64
N GLY A 167 0.12 -31.76 -9.14
CA GLY A 167 -0.23 -31.32 -10.51
C GLY A 167 0.25 -29.91 -10.75
N PHE A 168 -0.23 -28.97 -9.92
CA PHE A 168 0.12 -27.52 -9.89
C PHE A 168 1.63 -27.32 -10.05
N TRP A 169 2.41 -27.94 -9.15
CA TRP A 169 3.88 -27.77 -9.08
C TRP A 169 4.53 -28.33 -10.35
N GLU A 170 3.97 -29.41 -10.92
CA GLU A 170 4.42 -29.93 -12.24
C GLU A 170 4.17 -28.85 -13.29
N LEU A 171 3.04 -28.16 -13.24
CA LEU A 171 2.71 -27.07 -14.20
C LEU A 171 3.71 -25.91 -13.98
N VAL A 172 4.00 -25.59 -12.71
CA VAL A 172 4.97 -24.54 -12.30
C VAL A 172 6.33 -24.92 -12.90
N ASP A 173 6.72 -26.19 -12.77
CA ASP A 173 8.01 -26.73 -13.30
C ASP A 173 8.08 -26.48 -14.81
N LYS A 174 6.99 -26.74 -15.54
CA LYS A 174 7.01 -26.59 -17.02
C LYS A 174 7.32 -25.13 -17.36
N GLU A 175 6.57 -24.20 -16.77
CA GLU A 175 6.73 -22.74 -17.01
C GLU A 175 8.16 -22.33 -16.65
N ARG A 176 8.64 -22.78 -15.50
CA ARG A 176 9.99 -22.47 -14.98
C ARG A 176 11.07 -22.83 -16.00
N ASN A 177 11.09 -24.06 -16.50
CA ASN A 177 12.09 -24.48 -17.52
C ASN A 177 11.91 -23.62 -18.77
N LEU A 178 10.67 -23.29 -19.12
CA LEU A 178 10.37 -22.36 -20.25
C LEU A 178 11.03 -21.00 -19.98
N HIS A 179 10.92 -20.44 -18.77
CA HIS A 179 11.57 -19.15 -18.38
C HIS A 179 13.11 -19.28 -18.50
N LEU A 180 13.67 -20.40 -18.02
CA LEU A 180 15.11 -20.70 -18.18
C LEU A 180 15.47 -20.75 -19.68
N GLU A 181 14.55 -21.07 -20.58
CA GLU A 181 14.79 -21.08 -22.06
C GLU A 181 14.58 -19.68 -22.67
N GLY A 182 14.16 -18.69 -21.86
CA GLY A 182 13.80 -17.33 -22.33
C GLY A 182 12.44 -17.29 -23.01
N LYS A 183 11.49 -18.12 -22.58
CA LYS A 183 10.13 -18.21 -23.19
C LYS A 183 9.05 -18.27 -22.10
N CYS A 184 7.82 -17.93 -22.46
CA CYS A 184 6.68 -17.83 -21.51
C CYS A 184 5.41 -18.32 -22.21
N GLU A 185 4.59 -19.10 -21.50
CA GLU A 185 3.35 -19.71 -22.06
C GLU A 185 2.11 -19.31 -21.25
N THR A 186 2.23 -19.08 -19.93
CA THR A 186 1.03 -19.02 -19.06
C THR A 186 1.04 -17.79 -18.11
N CYS A 187 2.04 -16.90 -18.17
CA CYS A 187 2.10 -15.68 -17.31
C CYS A 187 1.32 -14.53 -18.00
N VAL A 188 0.00 -14.57 -17.85
CA VAL A 188 -0.98 -13.64 -18.48
C VAL A 188 -1.73 -12.88 -17.38
N TYR A 189 -1.74 -11.55 -17.47
CA TYR A 189 -2.43 -10.64 -16.51
C TYR A 189 -3.93 -10.60 -16.80
N ASN A 190 -4.73 -10.24 -15.80
CA ASN A 190 -6.21 -10.06 -15.88
C ASN A 190 -6.60 -8.71 -15.25
N MET A 191 -7.28 -7.85 -16.01
CA MET A 191 -7.64 -6.46 -15.61
C MET A 191 -8.99 -6.48 -14.87
N MET A 192 -9.18 -5.57 -13.91
CA MET A 192 -10.44 -5.39 -13.12
C MET A 192 -10.36 -4.08 -12.31
N SER A 208 -8.89 5.71 -9.59
CA SER A 208 -7.41 5.54 -9.74
C SER A 208 -6.96 4.20 -9.17
N ARG A 209 -7.59 3.09 -9.62
CA ARG A 209 -7.31 1.69 -9.16
C ARG A 209 -7.59 0.70 -10.30
N ALA A 210 -6.54 0.00 -10.76
CA ALA A 210 -6.61 -1.11 -11.75
C ALA A 210 -5.76 -2.28 -11.23
N ILE A 211 -6.38 -3.43 -10.95
CA ILE A 211 -5.75 -4.58 -10.24
C ILE A 211 -5.64 -5.77 -11.19
N TRP A 212 -4.41 -6.26 -11.44
CA TRP A 212 -4.11 -7.33 -12.41
C TRP A 212 -3.79 -8.63 -11.67
N TYR A 213 -4.78 -9.52 -11.57
CA TYR A 213 -4.62 -10.90 -11.04
C TYR A 213 -3.99 -11.80 -12.11
N MET A 214 -3.06 -12.67 -11.70
CA MET A 214 -2.54 -13.80 -12.51
C MET A 214 -2.97 -15.10 -11.83
N TRP A 215 -2.79 -16.25 -12.50
CA TRP A 215 -2.96 -17.57 -11.85
C TRP A 215 -1.81 -17.80 -10.86
N LEU A 216 -2.03 -18.68 -9.89
CA LEU A 216 -1.16 -18.82 -8.70
C LEU A 216 0.26 -19.21 -9.14
N GLY A 217 0.39 -20.03 -10.17
CA GLY A 217 1.69 -20.52 -10.67
C GLY A 217 2.60 -19.36 -11.06
N ALA A 218 2.09 -18.45 -11.88
CA ALA A 218 2.81 -17.22 -12.29
C ALA A 218 3.13 -16.38 -11.05
N ARG A 219 2.22 -16.32 -10.08
CA ARG A 219 2.44 -15.56 -8.82
C ARG A 219 3.60 -16.20 -8.04
N PHE A 220 3.69 -17.54 -8.05
CA PHE A 220 4.79 -18.24 -7.36
C PHE A 220 6.13 -17.85 -8.00
N LEU A 221 6.19 -17.90 -9.33
CA LEU A 221 7.44 -17.67 -10.08
C LEU A 221 7.93 -16.24 -9.85
N GLU A 222 6.99 -15.28 -9.79
CA GLU A 222 7.30 -13.88 -9.40
C GLU A 222 7.90 -13.89 -7.99
N PHE A 223 7.21 -14.53 -7.03
CA PHE A 223 7.61 -14.62 -5.60
C PHE A 223 9.00 -15.28 -5.47
N GLU A 224 9.23 -16.33 -6.25
CA GLU A 224 10.49 -17.13 -6.25
C GLU A 224 11.66 -16.17 -6.50
N ALA A 225 11.49 -15.31 -7.50
CA ALA A 225 12.58 -14.53 -8.10
C ALA A 225 12.72 -13.19 -7.37
N LEU A 226 11.62 -12.60 -6.90
CA LEU A 226 11.61 -11.18 -6.43
C LEU A 226 10.98 -11.01 -5.05
N GLY A 227 10.50 -12.09 -4.43
CA GLY A 227 9.90 -12.04 -3.09
C GLY A 227 10.87 -11.57 -2.04
N PHE A 228 12.18 -11.77 -2.26
CA PHE A 228 13.21 -11.38 -1.27
C PHE A 228 13.10 -9.88 -0.93
N LEU A 229 12.67 -9.05 -1.88
CA LEU A 229 12.65 -7.57 -1.67
C LEU A 229 11.79 -7.25 -0.44
N ASN A 230 10.62 -7.86 -0.34
CA ASN A 230 9.67 -7.69 0.79
C ASN A 230 10.00 -8.63 1.94
N GLU A 231 10.24 -9.92 1.65
CA GLU A 231 10.47 -10.92 2.73
C GLU A 231 11.68 -10.53 3.57
N ASP A 232 12.74 -9.98 2.96
CA ASP A 232 13.99 -9.62 3.68
C ASP A 232 14.14 -8.09 3.88
N HIS A 233 13.10 -7.33 3.64
CA HIS A 233 12.97 -5.93 4.16
C HIS A 233 14.02 -5.02 3.53
N TRP A 234 14.17 -5.11 2.22
CA TRP A 234 15.12 -4.25 1.46
C TRP A 234 14.74 -2.76 1.64
N PHE A 235 13.44 -2.47 1.76
CA PHE A 235 12.94 -1.07 1.88
C PHE A 235 12.62 -0.71 3.35
N SER A 236 13.12 -1.46 4.33
CA SER A 236 13.09 -1.03 5.74
C SER A 236 13.79 0.33 5.86
N ARG A 237 13.46 1.14 6.86
CA ARG A 237 14.19 2.41 7.08
C ARG A 237 15.66 2.14 7.42
N GLU A 238 15.97 1.12 8.22
CA GLU A 238 17.38 0.77 8.57
C GLU A 238 18.17 0.48 7.29
N ASN A 239 17.62 -0.23 6.34
CA ASN A 239 18.40 -0.65 5.16
C ASN A 239 18.42 0.43 4.06
N SER A 240 17.30 1.16 3.83
CA SER A 240 17.13 2.03 2.63
C SER A 240 17.17 3.52 2.98
N LEU A 241 17.11 3.89 4.27
CA LEU A 241 17.19 5.26 4.84
C LEU A 241 15.94 6.11 4.51
N SER A 242 15.41 6.03 3.28
CA SER A 242 14.15 6.71 2.88
C SER A 242 12.92 5.86 3.17
N GLY A 243 13.06 4.55 3.11
CA GLY A 243 11.89 3.66 3.10
C GLY A 243 11.27 3.58 4.47
N VAL A 244 10.09 2.97 4.55
CA VAL A 244 9.35 2.78 5.83
C VAL A 244 8.71 1.38 5.85
N GLU A 245 9.29 0.41 5.15
CA GLU A 245 8.73 -0.98 5.12
C GLU A 245 8.71 -1.54 6.54
N GLY A 246 7.61 -2.20 6.91
CA GLY A 246 7.39 -2.79 8.25
C GLY A 246 6.99 -1.76 9.29
N GLU A 247 6.88 -0.47 8.95
CA GLU A 247 6.52 0.61 9.92
C GLU A 247 4.99 0.76 9.98
N GLY A 248 4.40 0.51 11.15
CA GLY A 248 2.98 0.78 11.42
C GLY A 248 2.68 2.26 11.56
N LEU A 249 1.40 2.64 11.58
CA LEU A 249 0.97 4.06 11.69
C LEU A 249 1.47 4.66 12.99
N HIS A 250 1.84 3.82 13.96
CA HIS A 250 2.34 4.33 15.25
C HIS A 250 3.81 4.75 15.17
N LYS A 251 4.47 4.43 14.04
CA LYS A 251 5.89 4.76 13.77
C LYS A 251 5.99 5.98 12.84
N LEU A 252 5.08 6.07 11.86
CA LEU A 252 5.26 6.99 10.71
C LEU A 252 5.35 8.46 11.17
N GLY A 253 4.59 8.86 12.20
CA GLY A 253 4.59 10.24 12.68
C GLY A 253 5.92 10.59 13.31
N TYR A 254 6.48 9.67 14.11
CA TYR A 254 7.83 9.85 14.69
C TYR A 254 8.87 9.96 13.58
N ILE A 255 8.76 9.18 12.52
CA ILE A 255 9.71 9.26 11.39
C ILE A 255 9.61 10.66 10.74
N LEU A 256 8.41 11.17 10.48
CA LEU A 256 8.25 12.50 9.87
C LEU A 256 8.85 13.56 10.79
N ARG A 257 8.64 13.44 12.10
CA ARG A 257 9.19 14.39 13.10
C ARG A 257 10.73 14.32 13.07
N ASP A 258 11.32 13.13 12.91
CA ASP A 258 12.81 13.01 12.81
C ASP A 258 13.29 13.71 11.51
N VAL A 259 12.56 13.58 10.42
CA VAL A 259 12.92 14.29 9.16
C VAL A 259 12.87 15.80 9.40
N SER A 260 11.87 16.28 10.14
CA SER A 260 11.65 17.72 10.44
C SER A 260 12.87 18.31 11.18
N LYS A 261 13.63 17.51 11.92
CA LYS A 261 14.76 17.94 12.76
C LYS A 261 15.98 18.27 11.89
N LYS A 262 16.01 17.79 10.65
CA LYS A 262 17.03 18.16 9.63
C LYS A 262 16.97 19.65 9.34
N GLU A 263 18.12 20.30 9.24
CA GLU A 263 18.20 21.66 8.69
C GLU A 263 17.71 21.60 7.24
N GLY A 264 16.87 22.54 6.83
CA GLY A 264 16.47 22.63 5.43
C GLY A 264 15.26 23.50 5.21
N GLY A 265 14.62 23.35 4.07
CA GLY A 265 13.46 24.19 3.73
C GLY A 265 12.15 23.52 4.15
N ALA A 266 11.08 23.77 3.41
CA ALA A 266 9.73 23.25 3.69
C ALA A 266 9.77 21.73 3.53
N MET A 267 8.72 21.04 3.98
CA MET A 267 8.51 19.60 3.65
C MET A 267 7.56 19.51 2.46
N TYR A 268 7.97 18.84 1.40
CA TYR A 268 7.22 18.63 0.16
C TYR A 268 6.63 17.24 0.17
N ALA A 269 5.37 17.18 -0.23
CA ALA A 269 4.59 15.94 -0.30
C ALA A 269 3.77 16.01 -1.57
N ASP A 270 4.41 15.96 -2.74
CA ASP A 270 3.69 16.02 -4.04
C ASP A 270 3.25 14.61 -4.42
N ASP A 271 1.96 14.38 -4.62
CA ASP A 271 1.47 13.10 -5.19
C ASP A 271 1.67 13.14 -6.70
N THR A 272 1.95 11.98 -7.30
CA THR A 272 2.03 11.80 -8.76
C THR A 272 0.63 11.48 -9.26
N ALA A 273 0.24 12.03 -10.40
CA ALA A 273 -1.03 11.66 -11.07
C ALA A 273 -0.86 10.26 -11.70
N GLY A 274 -1.53 9.24 -11.17
CA GLY A 274 -1.55 7.85 -11.69
C GLY A 274 -0.15 7.25 -11.83
N TRP A 275 0.61 7.17 -10.73
CA TRP A 275 2.01 6.68 -10.74
C TRP A 275 2.17 5.41 -11.60
N ASP A 276 1.38 4.36 -11.39
CA ASP A 276 1.58 3.04 -12.06
C ASP A 276 1.51 3.23 -13.59
N THR A 277 0.69 4.18 -14.08
CA THR A 277 0.53 4.45 -15.53
C THR A 277 1.71 5.24 -16.08
N ARG A 278 2.53 5.89 -15.24
CA ARG A 278 3.69 6.73 -15.66
C ARG A 278 5.03 6.02 -15.54
N ILE A 279 5.05 4.72 -15.22
CA ILE A 279 6.30 3.91 -15.18
C ILE A 279 6.75 3.62 -16.63
N THR A 280 7.92 4.11 -17.01
CA THR A 280 8.44 4.07 -18.40
C THR A 280 9.19 2.76 -18.64
N LEU A 281 9.50 2.45 -19.90
CA LEU A 281 10.34 1.26 -20.19
C LEU A 281 11.72 1.51 -19.56
N GLU A 282 12.19 2.77 -19.54
CA GLU A 282 13.50 3.12 -18.91
C GLU A 282 13.46 2.77 -17.40
N ASP A 283 12.41 3.18 -16.70
CA ASP A 283 12.19 2.80 -15.27
C ASP A 283 12.30 1.26 -15.10
N LEU A 284 11.57 0.49 -15.90
CA LEU A 284 11.58 -1.01 -15.80
C LEU A 284 12.99 -1.57 -16.01
N LYS A 285 13.81 -0.96 -16.89
CA LYS A 285 15.20 -1.41 -17.16
C LYS A 285 16.11 -1.07 -15.98
N ASN A 286 15.90 0.09 -15.34
CA ASN A 286 16.71 0.47 -14.15
C ASN A 286 16.34 -0.44 -12.97
N GLU A 287 15.07 -0.80 -12.82
CA GLU A 287 14.60 -1.73 -11.76
C GLU A 287 15.25 -3.13 -11.97
N GLU A 288 15.28 -3.62 -13.22
N GLU A 288 15.28 -3.60 -13.23
CA GLU A 288 15.85 -4.95 -13.59
CA GLU A 288 15.85 -4.91 -13.64
C GLU A 288 17.32 -5.04 -13.18
C GLU A 288 17.32 -5.03 -13.23
N MET A 289 18.01 -3.91 -13.00
CA MET A 289 19.43 -3.91 -12.56
C MET A 289 19.63 -4.54 -11.19
N VAL A 290 18.57 -4.81 -10.40
CA VAL A 290 18.74 -5.61 -9.15
C VAL A 290 19.32 -7.00 -9.53
N THR A 291 19.01 -7.52 -10.71
CA THR A 291 19.56 -8.82 -11.20
C THR A 291 21.09 -8.79 -11.24
N ASN A 292 21.71 -7.61 -11.35
CA ASN A 292 23.19 -7.47 -11.39
C ASN A 292 23.80 -7.92 -10.07
N HIS A 293 23.02 -8.06 -9.00
CA HIS A 293 23.52 -8.38 -7.64
C HIS A 293 23.25 -9.85 -7.32
N MET A 294 22.68 -10.58 -8.28
CA MET A 294 22.19 -11.96 -8.09
C MET A 294 23.20 -12.91 -8.75
N GLU A 295 22.98 -14.21 -8.66
CA GLU A 295 23.94 -15.20 -9.18
C GLU A 295 23.20 -16.46 -9.61
N GLY A 296 23.85 -17.21 -10.49
CA GLY A 296 23.39 -18.53 -10.95
C GLY A 296 21.95 -18.50 -11.40
N GLU A 297 21.22 -19.54 -11.04
CA GLU A 297 19.81 -19.76 -11.40
C GLU A 297 18.98 -18.52 -11.02
N HIS A 298 19.18 -17.98 -9.83
CA HIS A 298 18.30 -16.91 -9.29
C HIS A 298 18.33 -15.77 -10.30
N LYS A 299 19.54 -15.39 -10.72
CA LYS A 299 19.75 -14.31 -11.71
C LYS A 299 18.93 -14.58 -12.96
N LYS A 300 19.00 -15.80 -13.53
CA LYS A 300 18.32 -16.11 -14.81
C LYS A 300 16.80 -16.09 -14.60
N LEU A 301 16.32 -16.58 -13.46
CA LEU A 301 14.86 -16.61 -13.13
C LEU A 301 14.33 -15.15 -12.99
N ALA A 302 15.08 -14.27 -12.31
CA ALA A 302 14.66 -12.86 -12.08
C ALA A 302 14.72 -12.10 -13.43
N GLU A 303 15.75 -12.35 -14.24
CA GLU A 303 15.86 -11.74 -15.59
C GLU A 303 14.64 -12.11 -16.42
N ALA A 304 14.14 -13.34 -16.30
CA ALA A 304 12.97 -13.83 -17.08
C ALA A 304 11.70 -13.10 -16.62
N ILE A 305 11.51 -12.93 -15.31
CA ILE A 305 10.33 -12.19 -14.79
C ILE A 305 10.33 -10.79 -15.42
N PHE A 306 11.44 -10.07 -15.32
CA PHE A 306 11.60 -8.69 -15.84
C PHE A 306 11.36 -8.64 -17.36
N LYS A 307 12.10 -9.44 -18.13
CA LYS A 307 11.99 -9.56 -19.62
C LYS A 307 10.58 -9.96 -20.06
N LEU A 308 10.05 -11.06 -19.54
CA LEU A 308 8.90 -11.76 -20.17
C LEU A 308 7.56 -11.29 -19.60
N THR A 309 7.52 -10.84 -18.35
CA THR A 309 6.23 -10.51 -17.67
C THR A 309 6.13 -9.01 -17.34
N TYR A 310 7.23 -8.26 -17.22
CA TYR A 310 7.18 -6.82 -16.80
C TYR A 310 7.44 -5.92 -18.02
N GLN A 311 8.54 -6.15 -18.75
CA GLN A 311 8.95 -5.33 -19.92
C GLN A 311 8.22 -5.78 -21.19
N ASN A 312 7.42 -6.84 -21.09
CA ASN A 312 6.43 -7.35 -22.08
C ASN A 312 5.28 -7.96 -21.28
N LYS A 313 4.03 -7.56 -21.55
CA LYS A 313 2.85 -7.98 -20.77
C LYS A 313 1.74 -8.45 -21.70
N VAL A 314 0.97 -9.44 -21.27
CA VAL A 314 -0.25 -9.90 -21.99
C VAL A 314 -1.39 -9.85 -21.00
N VAL A 315 -2.46 -9.17 -21.37
CA VAL A 315 -3.60 -8.92 -20.45
C VAL A 315 -4.90 -9.33 -21.15
N ARG A 316 -5.79 -9.94 -20.39
CA ARG A 316 -7.19 -10.21 -20.80
C ARG A 316 -8.08 -9.20 -20.07
N VAL A 317 -9.04 -8.59 -20.79
CA VAL A 317 -9.92 -7.50 -20.28
C VAL A 317 -11.37 -7.80 -20.70
N GLN A 318 -12.34 -7.61 -19.79
CA GLN A 318 -13.80 -7.77 -20.07
C GLN A 318 -14.36 -6.47 -20.65
N ARG A 319 -14.88 -6.52 -21.89
CA ARG A 319 -15.53 -5.40 -22.61
C ARG A 319 -17.00 -5.76 -22.85
N PRO A 320 -17.98 -4.92 -22.43
CA PRO A 320 -19.41 -5.24 -22.56
C PRO A 320 -19.96 -5.36 -23.99
N THR A 321 -19.36 -4.65 -24.96
CA THR A 321 -19.82 -4.56 -26.37
C THR A 321 -19.95 -5.95 -26.98
N THR A 325 -20.26 -9.11 -23.90
CA THR A 325 -19.06 -9.38 -23.07
C THR A 325 -18.08 -10.26 -23.84
N VAL A 326 -17.04 -9.65 -24.43
CA VAL A 326 -15.91 -10.37 -25.11
C VAL A 326 -14.61 -10.05 -24.35
N MET A 327 -13.65 -10.99 -24.39
CA MET A 327 -12.33 -10.88 -23.73
C MET A 327 -11.32 -10.33 -24.75
N ASP A 328 -10.67 -9.21 -24.44
CA ASP A 328 -9.67 -8.55 -25.31
C ASP A 328 -8.26 -8.92 -24.83
N ILE A 329 -7.53 -9.63 -25.68
CA ILE A 329 -6.11 -10.00 -25.42
C ILE A 329 -5.26 -8.89 -26.01
N ILE A 330 -4.63 -8.11 -25.13
CA ILE A 330 -3.90 -6.86 -25.44
C ILE A 330 -2.51 -6.94 -24.81
N SER A 331 -1.58 -6.12 -25.25
CA SER A 331 -0.17 -6.15 -24.80
C SER A 331 0.39 -4.73 -24.76
N ARG A 332 1.36 -4.49 -23.87
CA ARG A 332 2.21 -3.28 -23.92
C ARG A 332 3.51 -3.58 -23.18
N ARG A 333 4.53 -2.76 -23.42
CA ARG A 333 5.88 -2.93 -22.84
C ARG A 333 5.97 -2.22 -21.47
N ASP A 334 5.28 -1.07 -21.29
CA ASP A 334 5.53 -0.15 -20.14
C ASP A 334 4.36 -0.16 -19.15
N GLN A 335 4.42 0.75 -18.16
CA GLN A 335 3.47 0.82 -17.02
C GLN A 335 3.78 -0.29 -16.03
N ARG A 336 3.23 -0.15 -14.82
CA ARG A 336 3.38 -1.11 -13.71
C ARG A 336 2.28 -2.17 -13.79
N GLY A 337 2.74 -3.43 -13.86
CA GLY A 337 1.97 -4.68 -13.83
C GLY A 337 2.87 -5.80 -13.29
N SER A 338 3.02 -5.80 -11.98
CA SER A 338 3.61 -6.86 -11.12
C SER A 338 2.51 -7.24 -10.14
N GLY A 339 2.77 -8.18 -9.21
CA GLY A 339 1.91 -8.34 -8.03
C GLY A 339 2.00 -7.12 -7.14
N GLN A 340 1.09 -6.97 -6.18
CA GLN A 340 0.96 -5.72 -5.39
C GLN A 340 2.18 -5.55 -4.48
N VAL A 341 2.79 -6.64 -3.99
CA VAL A 341 3.92 -6.54 -3.03
C VAL A 341 5.20 -6.18 -3.78
N VAL A 342 5.46 -6.87 -4.90
CA VAL A 342 6.59 -6.45 -5.75
C VAL A 342 6.32 -5.04 -6.27
N THR A 343 5.07 -4.69 -6.61
CA THR A 343 4.75 -3.31 -7.06
C THR A 343 5.16 -2.28 -6.03
N TYR A 344 4.90 -2.55 -4.74
CA TYR A 344 5.21 -1.66 -3.60
C TYR A 344 6.73 -1.44 -3.53
N GLY A 345 7.52 -2.51 -3.65
CA GLY A 345 8.99 -2.40 -3.52
C GLY A 345 9.61 -1.66 -4.71
N LEU A 346 9.16 -1.94 -5.94
CA LEU A 346 9.76 -1.29 -7.15
C LEU A 346 9.25 0.17 -7.23
N ASN A 347 8.03 0.45 -6.80
CA ASN A 347 7.53 1.85 -6.69
C ASN A 347 8.42 2.61 -5.69
N THR A 348 8.68 2.02 -4.53
CA THR A 348 9.54 2.66 -3.52
C THR A 348 10.89 2.96 -4.18
N PHE A 349 11.52 1.97 -4.83
CA PHE A 349 12.88 2.11 -5.43
C PHE A 349 12.88 3.29 -6.43
N THR A 350 11.94 3.29 -7.38
CA THR A 350 11.93 4.27 -8.52
C THR A 350 11.51 5.66 -8.00
N ASN A 351 10.69 5.71 -6.96
CA ASN A 351 10.36 6.98 -6.28
C ASN A 351 11.60 7.55 -5.57
N MET A 352 12.34 6.71 -4.84
CA MET A 352 13.58 7.16 -4.16
C MET A 352 14.54 7.74 -5.23
N GLU A 353 14.68 7.05 -6.34
CA GLU A 353 15.56 7.50 -7.47
C GLU A 353 15.10 8.87 -8.00
N ALA A 354 13.83 9.00 -8.34
CA ALA A 354 13.23 10.24 -8.87
C ALA A 354 13.40 11.41 -7.89
N GLN A 355 13.19 11.19 -6.58
CA GLN A 355 13.28 12.25 -5.57
C GLN A 355 14.74 12.65 -5.33
N LEU A 356 15.72 11.71 -5.37
CA LEU A 356 17.15 12.09 -5.31
C LEU A 356 17.50 12.95 -6.52
N ILE A 357 17.00 12.63 -7.69
CA ILE A 357 17.29 13.41 -8.93
C ILE A 357 16.63 14.80 -8.81
N ARG A 358 15.39 14.90 -8.32
CA ARG A 358 14.80 16.24 -8.05
C ARG A 358 15.67 16.98 -7.04
N GLN A 359 16.17 16.32 -5.99
CA GLN A 359 17.06 17.01 -5.02
C GLN A 359 18.31 17.48 -5.76
N MET A 360 18.89 16.66 -6.63
CA MET A 360 20.11 17.08 -7.39
C MET A 360 19.83 18.38 -8.18
N GLU A 361 18.71 18.40 -8.89
CA GLU A 361 18.28 19.58 -9.68
C GLU A 361 18.18 20.82 -8.79
N GLY A 362 17.58 20.72 -7.60
CA GLY A 362 17.45 21.88 -6.69
C GLY A 362 18.80 22.38 -6.21
N GLU A 363 19.78 21.47 -6.02
CA GLU A 363 21.13 21.84 -5.56
C GLU A 363 22.02 22.24 -6.76
N GLY A 364 21.50 22.23 -7.97
CA GLY A 364 22.27 22.64 -9.18
C GLY A 364 23.40 21.68 -9.51
N VAL A 365 23.23 20.37 -9.26
CA VAL A 365 24.29 19.36 -9.53
C VAL A 365 24.46 19.22 -11.04
N PHE A 366 23.37 19.37 -11.79
CA PHE A 366 23.36 19.36 -13.27
C PHE A 366 22.53 20.56 -13.76
N LYS A 367 22.85 21.06 -14.95
CA LYS A 367 22.31 22.34 -15.44
C LYS A 367 21.14 22.04 -16.40
N SER A 368 21.25 21.00 -17.23
CA SER A 368 20.19 20.64 -18.20
C SER A 368 20.02 19.13 -18.30
N ILE A 369 18.78 18.70 -18.55
CA ILE A 369 18.39 17.28 -18.75
C ILE A 369 18.59 16.90 -20.21
N GLN A 370 18.85 17.88 -21.10
CA GLN A 370 18.96 17.60 -22.56
C GLN A 370 20.14 16.63 -22.76
N HIS A 371 21.21 16.85 -22.00
CA HIS A 371 22.50 16.14 -22.14
C HIS A 371 23.35 16.41 -20.90
N LEU A 372 24.02 15.39 -20.38
CA LEU A 372 24.98 15.53 -19.26
C LEU A 372 26.39 15.64 -19.86
N THR A 373 27.16 16.65 -19.43
CA THR A 373 28.60 16.76 -19.76
C THR A 373 29.32 15.63 -19.04
N VAL A 374 30.54 15.28 -19.49
CA VAL A 374 31.41 14.29 -18.77
C VAL A 374 31.65 14.79 -17.34
N THR A 375 31.92 16.09 -17.17
CA THR A 375 32.18 16.72 -15.83
C THR A 375 30.92 16.64 -14.96
N GLU A 376 29.71 16.68 -15.54
CA GLU A 376 28.40 16.64 -14.81
C GLU A 376 28.11 15.21 -14.36
N GLU A 377 28.41 14.19 -15.18
CA GLU A 377 28.33 12.77 -14.75
C GLU A 377 29.21 12.58 -13.52
N ILE A 378 30.43 13.09 -13.54
CA ILE A 378 31.37 12.89 -12.41
C ILE A 378 30.84 13.69 -11.20
N ALA A 379 30.22 14.85 -11.40
CA ALA A 379 29.57 15.63 -10.30
C ALA A 379 28.42 14.82 -9.65
N VAL A 380 27.54 14.22 -10.45
CA VAL A 380 26.39 13.35 -10.00
C VAL A 380 26.96 12.17 -9.19
N LYS A 381 27.87 11.40 -9.79
CA LYS A 381 28.51 10.24 -9.12
C LYS A 381 29.09 10.70 -7.79
N ASN A 382 29.80 11.83 -7.78
CA ASN A 382 30.53 12.35 -6.59
C ASN A 382 29.54 12.88 -5.54
N TRP A 383 28.41 13.44 -5.99
CA TRP A 383 27.30 13.87 -5.09
C TRP A 383 26.75 12.61 -4.36
N LEU A 384 26.46 11.57 -5.12
CA LEU A 384 25.87 10.33 -4.54
C LEU A 384 26.83 9.77 -3.49
N VAL A 385 28.13 9.75 -3.78
CA VAL A 385 29.15 9.12 -2.91
C VAL A 385 29.27 9.96 -1.65
N ARG A 386 29.32 11.28 -1.82
CA ARG A 386 29.60 12.26 -0.75
C ARG A 386 28.34 12.44 0.13
N VAL A 387 27.14 12.61 -0.47
CA VAL A 387 25.96 13.05 0.35
C VAL A 387 24.72 12.18 0.09
N GLY A 388 24.81 11.13 -0.73
CA GLY A 388 23.71 10.25 -1.17
C GLY A 388 22.90 9.75 0.00
N ARG A 389 23.57 9.21 1.00
CA ARG A 389 22.92 8.59 2.18
C ARG A 389 22.27 9.70 2.99
N GLU A 390 22.92 10.85 3.16
CA GLU A 390 22.31 11.96 3.93
C GLU A 390 21.01 12.40 3.23
N ARG A 391 21.00 12.45 1.90
CA ARG A 391 19.83 12.96 1.15
C ARG A 391 18.70 11.92 1.21
N LEU A 392 19.01 10.62 1.31
CA LEU A 392 17.96 9.56 1.46
C LEU A 392 17.26 9.74 2.80
N SER A 393 18.02 10.09 3.83
CA SER A 393 17.55 10.24 5.23
C SER A 393 16.63 11.43 5.36
N ARG A 394 16.59 12.29 4.32
CA ARG A 394 15.74 13.51 4.26
C ARG A 394 14.35 13.14 3.74
N MET A 395 14.14 11.86 3.44
CA MET A 395 12.88 11.44 2.79
C MET A 395 12.17 10.31 3.58
N ALA A 396 10.84 10.26 3.45
CA ALA A 396 9.99 9.12 3.86
C ALA A 396 9.16 8.71 2.64
N ILE A 397 9.42 7.51 2.14
CA ILE A 397 8.87 7.04 0.86
C ILE A 397 8.18 5.68 1.07
N SER A 398 6.88 5.65 0.79
CA SER A 398 6.04 4.43 0.82
C SER A 398 5.47 4.23 -0.58
N GLY A 399 6.10 3.37 -1.38
CA GLY A 399 5.67 3.17 -2.79
C GLY A 399 5.62 4.50 -3.54
N ASP A 400 4.47 4.86 -4.13
CA ASP A 400 4.37 6.13 -4.89
C ASP A 400 4.20 7.38 -3.99
N ASP A 401 4.08 7.18 -2.68
CA ASP A 401 3.90 8.25 -1.67
C ASP A 401 5.27 8.74 -1.22
N CYS A 402 5.50 10.06 -1.13
CA CYS A 402 6.75 10.62 -0.55
C CYS A 402 6.52 11.88 0.27
N VAL A 403 7.44 12.08 1.21
CA VAL A 403 7.70 13.37 1.91
C VAL A 403 9.21 13.61 1.80
N VAL A 404 9.59 14.79 1.33
CA VAL A 404 11.00 15.20 1.15
C VAL A 404 11.25 16.48 1.92
N LYS A 405 12.27 16.53 2.75
CA LYS A 405 12.76 17.80 3.33
C LYS A 405 14.11 18.12 2.69
N PRO A 406 14.09 18.88 1.56
CA PRO A 406 15.32 19.18 0.85
C PRO A 406 16.18 20.19 1.63
N LEU A 407 17.38 20.40 1.12
CA LEU A 407 18.38 21.32 1.71
C LEU A 407 17.76 22.73 1.82
N ASP A 408 16.93 23.15 0.85
CA ASP A 408 16.31 24.50 0.84
C ASP A 408 15.17 24.49 -0.16
N ASP A 409 14.53 25.64 -0.38
CA ASP A 409 13.28 25.67 -1.19
C ASP A 409 13.58 25.80 -2.69
N ARG A 410 14.83 25.76 -3.17
CA ARG A 410 15.07 25.65 -4.64
C ARG A 410 14.37 24.41 -5.21
N PHE A 411 14.23 23.34 -4.41
CA PHE A 411 13.51 22.09 -4.76
C PHE A 411 12.12 22.39 -5.31
N ALA A 412 11.39 23.36 -4.73
CA ALA A 412 9.99 23.69 -5.09
C ALA A 412 9.86 23.93 -6.60
N SER A 413 10.83 24.60 -7.21
CA SER A 413 10.75 24.95 -8.65
C SER A 413 11.71 24.09 -9.48
N ALA A 414 12.21 22.95 -8.95
CA ALA A 414 13.14 22.07 -9.71
C ALA A 414 12.30 20.95 -10.32
N LEU A 415 11.75 21.19 -11.53
CA LEU A 415 10.65 20.38 -12.10
C LEU A 415 11.03 19.74 -13.45
N THR A 416 12.18 20.03 -14.05
CA THR A 416 12.45 19.60 -15.45
C THR A 416 12.66 18.08 -15.48
N ALA A 417 13.52 17.57 -14.60
CA ALA A 417 13.79 16.11 -14.50
C ALA A 417 12.50 15.36 -14.10
N LEU A 418 11.78 15.84 -13.08
CA LEU A 418 10.54 15.16 -12.58
C LEU A 418 9.50 15.04 -13.70
N ASN A 419 9.25 16.14 -14.43
CA ASN A 419 8.27 16.14 -15.55
C ASN A 419 8.81 15.23 -16.68
N ASP A 420 10.10 15.29 -17.00
CA ASP A 420 10.69 14.52 -18.14
C ASP A 420 10.73 13.02 -17.81
N MET A 421 10.85 12.64 -16.54
CA MET A 421 10.75 11.21 -16.11
C MET A 421 9.31 10.73 -16.25
N GLY A 422 8.35 11.63 -16.50
CA GLY A 422 6.92 11.31 -16.59
C GLY A 422 6.19 11.31 -15.24
N LYS A 423 6.85 11.70 -14.14
CA LYS A 423 6.25 11.69 -12.77
C LYS A 423 5.59 13.05 -12.50
N VAL A 424 4.56 13.34 -13.29
CA VAL A 424 3.82 14.63 -13.28
C VAL A 424 2.96 14.69 -12.01
N ARG A 425 3.06 15.81 -11.32
CA ARG A 425 2.40 16.09 -10.01
C ARG A 425 0.89 16.18 -10.24
N LYS A 426 0.11 15.66 -9.28
CA LYS A 426 -1.38 15.64 -9.25
C LYS A 426 -1.89 17.04 -8.86
N ASP A 427 -2.93 17.56 -9.50
CA ASP A 427 -3.69 18.77 -9.06
C ASP A 427 -2.79 20.01 -8.88
N ILE A 428 -1.87 20.27 -9.82
CA ILE A 428 -1.03 21.51 -9.88
C ILE A 428 -0.59 21.63 -11.33
N GLN A 429 -0.49 22.85 -11.85
CA GLN A 429 -0.04 23.09 -13.25
C GLN A 429 1.41 22.62 -13.40
N GLN A 430 1.72 22.11 -14.57
CA GLN A 430 2.96 21.33 -14.80
C GLN A 430 4.17 22.14 -14.37
N TRP A 431 4.23 23.47 -14.58
CA TRP A 431 5.44 24.29 -14.29
C TRP A 431 5.24 25.24 -13.11
N GLU A 432 4.15 25.09 -12.36
CA GLU A 432 3.86 25.85 -11.13
C GLU A 432 4.70 25.23 -10.00
N PRO A 433 5.43 26.04 -9.21
CA PRO A 433 6.26 25.52 -8.13
C PRO A 433 5.43 24.86 -7.03
N SER A 434 5.97 23.79 -6.47
CA SER A 434 5.36 22.99 -5.38
C SER A 434 5.05 23.91 -4.20
N ARG A 435 3.91 23.71 -3.53
CA ARG A 435 3.59 24.33 -2.23
C ARG A 435 4.00 23.35 -1.12
N GLY A 436 4.98 23.75 -0.34
CA GLY A 436 5.53 22.97 0.78
C GLY A 436 4.79 23.24 2.08
N TRP A 437 5.12 22.46 3.09
CA TRP A 437 4.49 22.54 4.43
C TRP A 437 5.56 23.03 5.39
N ASN A 438 5.18 23.95 6.26
CA ASN A 438 6.09 24.54 7.28
C ASN A 438 6.03 23.76 8.58
N ASP A 439 5.04 22.89 8.78
CA ASP A 439 4.83 22.20 10.09
C ASP A 439 4.63 20.71 9.79
N TRP A 440 5.48 19.84 10.33
CA TRP A 440 5.45 18.39 10.07
C TRP A 440 4.09 17.80 10.49
N THR A 441 3.37 18.44 11.39
CA THR A 441 2.05 17.95 11.89
C THR A 441 0.94 18.21 10.85
N GLN A 442 1.20 18.96 9.78
CA GLN A 442 0.19 19.21 8.72
C GLN A 442 0.58 18.52 7.40
N VAL A 443 1.71 17.82 7.36
CA VAL A 443 2.16 17.05 6.15
C VAL A 443 1.25 15.84 5.97
N PRO A 444 0.63 15.63 4.78
CA PRO A 444 -0.07 14.38 4.50
C PRO A 444 0.91 13.26 4.11
N PHE A 445 0.69 12.04 4.60
CA PHE A 445 1.50 10.84 4.25
C PHE A 445 0.69 9.60 4.56
N CYS A 446 0.65 8.67 3.60
CA CYS A 446 -0.08 7.37 3.77
C CYS A 446 -1.49 7.61 4.31
N SER A 447 -2.19 8.57 3.68
CA SER A 447 -3.60 8.98 3.91
C SER A 447 -3.82 9.49 5.35
N HIS A 448 -2.77 9.97 6.02
CA HIS A 448 -2.86 10.47 7.42
C HIS A 448 -2.13 11.81 7.58
N HIS A 449 -2.39 12.48 8.71
CA HIS A 449 -1.50 13.51 9.28
C HIS A 449 -1.23 13.04 10.72
N PHE A 450 -0.30 13.71 11.39
CA PHE A 450 0.22 13.24 12.70
C PHE A 450 0.15 14.39 13.71
N HIS A 451 -0.32 14.08 14.92
CA HIS A 451 -0.47 15.04 16.05
C HIS A 451 0.60 14.72 17.10
N GLU A 452 1.19 15.76 17.70
CA GLU A 452 2.05 15.63 18.90
C GLU A 452 1.16 15.76 20.16
N LEU A 453 1.12 14.75 21.01
CA LEU A 453 0.15 14.66 22.13
C LEU A 453 0.97 14.40 23.39
N ILE A 454 0.84 15.26 24.40
CA ILE A 454 1.66 15.13 25.64
C ILE A 454 0.79 14.47 26.70
N MET A 455 1.33 13.41 27.29
CA MET A 455 0.65 12.66 28.37
C MET A 455 0.72 13.46 29.67
N LYS A 456 -0.25 13.27 30.55
N LYS A 456 -0.26 13.27 30.54
CA LYS A 456 -0.29 13.94 31.87
CA LYS A 456 -0.33 13.85 31.91
C LYS A 456 1.08 13.79 32.56
C LYS A 456 1.07 13.79 32.53
N ASP A 457 1.81 12.71 32.29
CA ASP A 457 3.18 12.46 32.86
C ASP A 457 4.32 13.06 32.02
N GLY A 458 4.04 13.85 30.98
CA GLY A 458 5.07 14.55 30.19
C GLY A 458 5.66 13.74 29.05
N ARG A 459 5.34 12.46 28.88
CA ARG A 459 5.93 11.69 27.76
C ARG A 459 5.18 12.10 26.46
N VAL A 460 5.83 11.97 25.33
CA VAL A 460 5.32 12.48 24.03
C VAL A 460 4.89 11.32 23.14
N LEU A 461 3.62 11.34 22.75
CA LEU A 461 3.03 10.43 21.76
C LEU A 461 2.93 11.18 20.42
N VAL A 462 3.41 10.59 19.33
CA VAL A 462 3.12 11.11 17.98
C VAL A 462 2.15 10.16 17.34
N VAL A 463 0.93 10.63 17.10
CA VAL A 463 -0.22 9.73 16.80
C VAL A 463 -0.74 9.98 15.39
N PRO A 464 -1.22 8.92 14.72
CA PRO A 464 -1.80 9.02 13.38
C PRO A 464 -3.24 9.52 13.46
N CYS A 465 -3.69 10.21 12.42
CA CYS A 465 -5.03 10.83 12.40
C CYS A 465 -5.48 11.01 10.96
N ARG A 466 -6.80 10.92 10.73
CA ARG A 466 -7.45 11.31 9.45
C ARG A 466 -8.89 11.73 9.75
N ASN A 467 -9.55 12.37 8.79
CA ASN A 467 -10.93 12.84 8.96
C ASN A 467 -11.75 11.62 9.47
N GLN A 468 -12.50 11.78 10.54
CA GLN A 468 -13.10 10.67 11.30
C GLN A 468 -14.22 10.08 10.45
N ASP A 469 -14.80 10.86 9.53
CA ASP A 469 -15.88 10.27 8.68
C ASP A 469 -15.27 9.15 7.84
N GLU A 470 -14.04 9.32 7.37
CA GLU A 470 -13.32 8.29 6.57
C GLU A 470 -13.15 7.00 7.38
N LEU A 471 -12.75 7.11 8.64
CA LEU A 471 -12.53 5.93 9.53
C LEU A 471 -13.85 5.19 9.80
N ILE A 472 -14.90 5.92 10.15
CA ILE A 472 -16.22 5.30 10.46
C ILE A 472 -16.78 4.69 9.18
N GLY A 473 -16.66 5.41 8.07
CA GLY A 473 -17.18 4.97 6.77
C GLY A 473 -16.56 3.63 6.33
N ARG A 474 -15.25 3.47 6.55
CA ARG A 474 -14.47 2.27 6.14
C ARG A 474 -14.85 1.08 7.05
N ALA A 475 -15.01 1.30 8.35
CA ALA A 475 -15.32 0.23 9.34
C ALA A 475 -16.73 -0.31 9.09
N ARG A 476 -17.60 0.46 8.44
CA ARG A 476 -18.99 0.08 8.11
C ARG A 476 -19.08 -0.76 6.83
N ILE A 477 -17.96 -1.04 6.17
CA ILE A 477 -17.94 -1.79 4.90
C ILE A 477 -17.26 -3.14 5.13
N SER A 478 -17.88 -4.19 4.60
N SER A 478 -17.85 -4.21 4.58
CA SER A 478 -17.29 -5.54 4.42
CA SER A 478 -17.24 -5.56 4.47
C SER A 478 -17.07 -5.77 2.92
C SER A 478 -17.19 -5.98 2.98
N GLN A 479 -16.08 -6.60 2.56
CA GLN A 479 -15.86 -7.02 1.15
C GLN A 479 -16.24 -8.49 1.03
N GLY A 480 -16.96 -8.85 -0.05
CA GLY A 480 -17.35 -10.24 -0.36
C GLY A 480 -18.64 -10.63 0.34
N ALA A 481 -19.05 -11.88 0.15
CA ALA A 481 -20.39 -12.39 0.49
C ALA A 481 -20.26 -13.66 1.33
N GLY A 482 -21.38 -14.11 1.92
CA GLY A 482 -21.46 -15.36 2.71
C GLY A 482 -20.84 -15.17 4.08
N TRP A 483 -20.78 -13.93 4.58
CA TRP A 483 -20.33 -13.67 5.96
C TRP A 483 -21.42 -14.16 6.92
N SER A 484 -21.06 -14.99 7.88
CA SER A 484 -21.92 -15.31 9.05
C SER A 484 -22.05 -14.06 9.94
N LEU A 485 -22.96 -14.07 10.93
CA LEU A 485 -23.04 -13.02 11.98
C LEU A 485 -21.78 -13.03 12.84
N ARG A 486 -21.25 -14.20 13.17
CA ARG A 486 -19.98 -14.29 13.92
C ARG A 486 -18.83 -13.70 13.11
N GLU A 487 -18.71 -13.99 11.82
CA GLU A 487 -17.59 -13.43 11.01
C GLU A 487 -17.74 -11.90 10.93
N THR A 488 -18.95 -11.41 10.74
CA THR A 488 -19.24 -9.95 10.67
C THR A 488 -18.84 -9.29 12.00
N ALA A 489 -19.20 -9.89 13.14
CA ALA A 489 -18.84 -9.39 14.47
C ALA A 489 -17.31 -9.37 14.64
N CYS A 490 -16.58 -10.41 14.19
CA CYS A 490 -15.10 -10.47 14.43
C CYS A 490 -14.42 -9.40 13.56
N LEU A 491 -14.96 -9.09 12.38
CA LEU A 491 -14.45 -7.98 11.54
C LEU A 491 -14.71 -6.62 12.23
N GLY A 492 -15.88 -6.44 12.84
CA GLY A 492 -16.15 -5.22 13.64
C GLY A 492 -15.16 -5.07 14.78
N LYS A 493 -14.90 -6.19 15.47
CA LYS A 493 -13.88 -6.20 16.56
C LYS A 493 -12.49 -5.85 16.03
N SER A 494 -12.05 -6.31 14.86
CA SER A 494 -10.74 -5.90 14.28
C SER A 494 -10.70 -4.37 14.16
N TYR A 495 -11.73 -3.75 13.59
CA TYR A 495 -11.77 -2.27 13.44
C TYR A 495 -11.71 -1.61 14.82
N ALA A 496 -12.52 -2.11 15.77
CA ALA A 496 -12.60 -1.54 17.13
C ALA A 496 -11.22 -1.59 17.76
N GLN A 497 -10.54 -2.74 17.67
CA GLN A 497 -9.18 -2.87 18.27
C GLN A 497 -8.15 -1.96 17.54
N MET A 498 -8.29 -1.80 16.22
CA MET A 498 -7.38 -0.88 15.48
C MET A 498 -7.61 0.53 16.05
N TRP A 499 -8.87 0.92 16.21
CA TRP A 499 -9.19 2.27 16.76
C TRP A 499 -8.58 2.45 18.15
N SER A 500 -8.69 1.45 19.04
N SER A 500 -8.69 1.44 19.04
CA SER A 500 -8.16 1.54 20.42
CA SER A 500 -8.17 1.54 20.42
C SER A 500 -6.65 1.78 20.37
C SER A 500 -6.65 1.72 20.40
N LEU A 501 -5.95 1.17 19.40
CA LEU A 501 -4.48 1.23 19.36
C LEU A 501 -3.98 2.48 18.64
N MET A 502 -4.63 2.86 17.55
CA MET A 502 -4.11 3.91 16.64
C MET A 502 -4.83 5.26 16.85
N TYR A 503 -6.13 5.23 17.18
CA TYR A 503 -7.03 6.41 17.15
C TYR A 503 -7.68 6.63 18.53
N PHE A 504 -7.04 6.15 19.60
CA PHE A 504 -7.55 6.27 21.00
C PHE A 504 -7.77 7.74 21.37
N HIS A 505 -7.03 8.64 20.71
CA HIS A 505 -7.02 10.12 20.97
C HIS A 505 -8.27 10.82 20.39
N ARG A 506 -9.08 10.11 19.64
CA ARG A 506 -10.36 10.61 19.08
C ARG A 506 -11.47 10.13 20.03
N ARG A 507 -12.18 11.06 20.67
CA ARG A 507 -13.21 10.74 21.70
C ARG A 507 -14.24 9.77 21.14
N ASP A 508 -14.75 10.01 19.93
CA ASP A 508 -15.87 9.19 19.41
C ASP A 508 -15.35 7.76 19.12
N LEU A 509 -14.12 7.63 18.65
CA LEU A 509 -13.58 6.29 18.26
C LEU A 509 -13.21 5.49 19.51
N ARG A 510 -12.71 6.11 20.58
CA ARG A 510 -12.40 5.33 21.82
C ARG A 510 -13.72 4.83 22.43
N LEU A 511 -14.80 5.62 22.35
CA LEU A 511 -16.12 5.24 22.88
C LEU A 511 -16.69 4.12 22.00
N ALA A 512 -16.68 4.29 20.68
CA ALA A 512 -17.30 3.32 19.76
C ALA A 512 -16.47 2.02 19.82
N ALA A 513 -15.16 2.10 19.97
CA ALA A 513 -14.28 0.90 20.05
C ALA A 513 -14.64 0.10 21.33
N ASN A 514 -14.82 0.80 22.44
CA ASN A 514 -15.21 0.15 23.73
C ASN A 514 -16.60 -0.48 23.58
N ALA A 515 -17.51 0.19 22.89
CA ALA A 515 -18.87 -0.31 22.68
C ALA A 515 -18.84 -1.60 21.83
N ILE A 516 -18.16 -1.60 20.68
CA ILE A 516 -18.07 -2.78 19.80
C ILE A 516 -17.41 -3.94 20.59
N CYS A 517 -16.35 -3.67 21.34
CA CYS A 517 -15.65 -4.72 22.10
C CYS A 517 -16.55 -5.23 23.24
N SER A 518 -17.54 -4.45 23.68
CA SER A 518 -18.50 -4.86 24.73
C SER A 518 -19.60 -5.71 24.10
N ALA A 519 -19.90 -5.45 22.83
CA ALA A 519 -21.06 -6.05 22.12
C ALA A 519 -20.69 -7.39 21.50
N VAL A 520 -19.41 -7.62 21.25
CA VAL A 520 -18.87 -8.86 20.58
C VAL A 520 -18.33 -9.78 21.69
N PRO A 521 -18.64 -11.11 21.68
CA PRO A 521 -18.15 -11.98 22.76
C PRO A 521 -16.67 -11.79 23.04
N SER A 522 -16.32 -11.72 24.33
N SER A 522 -16.32 -11.74 24.33
CA SER A 522 -14.97 -11.39 24.84
CA SER A 522 -14.96 -11.43 24.86
C SER A 522 -13.88 -12.24 24.15
C SER A 522 -13.89 -12.25 24.15
N HIS A 523 -14.12 -13.55 23.94
CA HIS A 523 -13.08 -14.48 23.42
C HIS A 523 -13.10 -14.68 21.91
N TRP A 524 -14.04 -14.09 21.18
CA TRP A 524 -14.06 -14.23 19.71
C TRP A 524 -12.88 -13.48 19.10
N VAL A 525 -12.24 -14.09 18.12
CA VAL A 525 -10.94 -13.67 17.55
C VAL A 525 -11.21 -12.70 16.41
N PRO A 526 -10.60 -11.52 16.44
CA PRO A 526 -10.70 -10.57 15.33
C PRO A 526 -10.24 -11.20 14.01
N THR A 527 -10.94 -10.90 12.92
CA THR A 527 -10.67 -11.42 11.55
C THR A 527 -10.58 -10.29 10.54
N SER A 528 -10.05 -10.62 9.36
CA SER A 528 -9.88 -9.74 8.18
C SER A 528 -9.50 -10.61 6.98
N ARG A 529 -10.25 -10.54 5.87
CA ARG A 529 -9.98 -11.31 4.62
C ARG A 529 -8.92 -10.61 3.75
N THR A 530 -8.41 -9.43 4.16
CA THR A 530 -7.20 -8.77 3.59
C THR A 530 -6.41 -8.07 4.71
N THR A 531 -5.23 -8.60 5.07
CA THR A 531 -4.44 -8.21 6.27
C THR A 531 -3.70 -6.90 5.99
N THR A 537 2.31 -3.13 10.26
CA THR A 537 2.27 -4.06 11.42
C THR A 537 0.91 -3.97 12.12
N HIS A 538 0.16 -5.08 12.16
N HIS A 538 0.24 -5.13 12.26
CA HIS A 538 -1.26 -5.12 12.64
CA HIS A 538 -1.18 -5.31 12.62
C HIS A 538 -1.32 -5.74 14.05
C HIS A 538 -1.31 -5.78 14.08
N GLU A 539 -0.83 -4.98 15.02
CA GLU A 539 -0.80 -5.36 16.46
C GLU A 539 -2.20 -5.51 17.07
N TRP A 540 -3.26 -5.01 16.42
CA TRP A 540 -4.65 -5.11 16.93
C TRP A 540 -5.24 -6.48 16.61
N MET A 541 -4.56 -7.33 15.81
CA MET A 541 -5.12 -8.64 15.41
C MET A 541 -4.71 -9.68 16.47
N THR A 542 -5.41 -9.69 17.61
CA THR A 542 -5.02 -10.46 18.83
C THR A 542 -6.20 -10.52 19.79
N THR A 543 -6.19 -11.47 20.73
CA THR A 543 -7.20 -11.56 21.80
C THR A 543 -6.57 -11.10 23.13
N GLU A 544 -5.30 -10.69 23.13
CA GLU A 544 -4.68 -10.01 24.29
C GLU A 544 -5.49 -8.75 24.63
N ASP A 545 -5.54 -8.44 25.93
CA ASP A 545 -6.09 -7.22 26.55
C ASP A 545 -5.52 -5.99 25.80
N MET A 546 -6.36 -5.04 25.36
CA MET A 546 -5.87 -3.94 24.47
C MET A 546 -4.98 -2.98 25.27
N LEU A 547 -5.14 -2.86 26.59
CA LEU A 547 -4.23 -1.98 27.38
C LEU A 547 -2.82 -2.57 27.41
N THR A 548 -2.68 -3.92 27.48
CA THR A 548 -1.36 -4.60 27.43
C THR A 548 -0.71 -4.36 26.05
N VAL A 549 -1.46 -4.50 24.97
CA VAL A 549 -0.96 -4.23 23.60
C VAL A 549 -0.58 -2.74 23.49
N TRP A 550 -1.38 -1.83 24.08
CA TRP A 550 -1.12 -0.36 23.99
C TRP A 550 0.25 -0.09 24.62
N ASN A 551 0.45 -0.62 25.83
CA ASN A 551 1.74 -0.45 26.55
C ASN A 551 2.90 -1.01 25.73
N ARG A 552 2.75 -2.16 25.10
CA ARG A 552 3.87 -2.80 24.37
C ARG A 552 4.26 -1.91 23.16
N VAL A 553 3.25 -1.39 22.46
CA VAL A 553 3.44 -0.66 21.18
C VAL A 553 3.93 0.78 21.44
N TRP A 554 3.29 1.52 22.35
CA TRP A 554 3.53 2.96 22.58
C TRP A 554 4.63 3.20 23.60
N ILE A 555 4.95 2.22 24.46
CA ILE A 555 5.93 2.46 25.56
C ILE A 555 7.11 1.51 25.37
N GLN A 556 6.91 0.21 25.59
CA GLN A 556 8.00 -0.80 25.68
C GLN A 556 8.80 -0.78 24.37
N GLU A 557 8.14 -0.93 23.22
CA GLU A 557 8.82 -1.14 21.92
C GLU A 557 9.07 0.19 21.19
N ASN A 558 8.74 1.33 21.81
CA ASN A 558 8.79 2.66 21.14
C ASN A 558 10.18 3.26 21.33
N PRO A 559 11.05 3.30 20.30
CA PRO A 559 12.42 3.78 20.49
C PRO A 559 12.52 5.27 20.75
N TRP A 560 11.45 6.04 20.57
CA TRP A 560 11.45 7.51 20.88
C TRP A 560 11.09 7.79 22.35
N MET A 561 10.66 6.78 23.12
CA MET A 561 10.17 6.90 24.52
C MET A 561 11.29 6.38 25.46
N GLU A 562 11.99 7.25 26.19
CA GLU A 562 13.11 6.82 27.08
C GLU A 562 12.56 6.19 28.36
N ASP A 563 11.53 6.78 28.96
CA ASP A 563 10.89 6.30 30.21
C ASP A 563 9.91 5.18 29.88
N LYS A 564 10.16 3.98 30.40
CA LYS A 564 9.42 2.74 30.05
C LYS A 564 8.36 2.45 31.13
N THR A 565 7.97 3.42 31.94
CA THR A 565 6.97 3.16 33.02
C THR A 565 5.64 2.77 32.39
N PRO A 566 5.08 1.57 32.69
CA PRO A 566 3.83 1.16 32.06
C PRO A 566 2.68 2.06 32.50
N VAL A 567 1.69 2.19 31.61
CA VAL A 567 0.40 2.86 31.89
C VAL A 567 -0.53 1.82 32.53
N GLU A 568 -1.22 2.19 33.62
CA GLU A 568 -2.02 1.24 34.44
C GLU A 568 -3.51 1.31 34.10
N SER A 569 -3.98 2.37 33.45
CA SER A 569 -5.39 2.45 32.99
C SER A 569 -5.54 3.28 31.72
N TRP A 570 -6.65 3.09 31.01
CA TRP A 570 -6.95 3.89 29.80
C TRP A 570 -7.09 5.38 30.17
N GLU A 571 -7.48 5.72 31.41
CA GLU A 571 -7.66 7.13 31.82
C GLU A 571 -6.31 7.89 31.82
N GLU A 572 -5.17 7.21 31.90
CA GLU A 572 -3.82 7.84 31.78
C GLU A 572 -3.55 8.22 30.31
N ILE A 573 -4.33 7.71 29.35
CA ILE A 573 -4.03 7.84 27.90
C ILE A 573 -4.84 9.03 27.38
N PRO A 574 -4.17 10.07 26.85
CA PRO A 574 -4.82 11.33 26.51
C PRO A 574 -5.62 11.34 25.20
N TYR A 575 -6.46 12.35 25.06
CA TYR A 575 -7.19 12.72 23.81
C TYR A 575 -6.53 13.95 23.17
N LEU A 576 -6.82 14.18 21.88
CA LEU A 576 -6.62 15.50 21.24
C LEU A 576 -7.38 16.54 22.08
N GLY A 577 -6.97 17.82 21.99
CA GLY A 577 -7.85 18.93 22.46
C GLY A 577 -9.25 18.79 21.87
N LYS A 578 -10.30 19.21 22.59
CA LYS A 578 -11.70 19.09 22.12
C LYS A 578 -11.89 19.82 20.78
N ARG A 579 -11.28 20.98 20.57
CA ARG A 579 -11.45 21.74 19.31
C ARG A 579 -10.70 21.02 18.17
N GLU A 580 -9.51 20.51 18.43
CA GLU A 580 -8.72 19.71 17.44
C GLU A 580 -9.50 18.44 17.05
N ASP A 581 -10.22 17.83 17.99
CA ASP A 581 -11.03 16.61 17.72
C ASP A 581 -12.18 16.97 16.77
N GLN A 582 -12.86 18.09 17.01
CA GLN A 582 -13.92 18.61 16.13
C GLN A 582 -13.35 18.96 14.76
N TRP A 583 -12.21 19.66 14.69
CA TRP A 583 -11.55 19.99 13.40
C TRP A 583 -11.29 18.72 12.56
N CYS A 584 -10.93 17.62 13.22
CA CYS A 584 -10.64 16.32 12.53
C CYS A 584 -11.90 15.45 12.46
N GLY A 585 -13.08 16.06 12.62
CA GLY A 585 -14.39 15.44 12.29
C GLY A 585 -15.20 14.88 13.46
N SER A 586 -14.79 15.05 14.74
CA SER A 586 -15.59 14.61 15.92
C SER A 586 -17.01 15.20 15.88
N LEU A 587 -18.01 14.41 16.32
CA LEU A 587 -19.39 14.88 16.56
C LEU A 587 -19.57 15.38 18.00
N ILE A 588 -18.51 15.41 18.84
CA ILE A 588 -18.61 15.96 20.22
C ILE A 588 -19.30 17.35 20.14
N GLY A 589 -20.28 17.59 21.00
CA GLY A 589 -21.03 18.85 21.03
C GLY A 589 -22.37 18.74 20.31
N LEU A 590 -22.60 17.73 19.48
CA LEU A 590 -23.90 17.56 18.80
C LEU A 590 -24.86 16.79 19.72
N THR A 591 -26.16 17.08 19.59
CA THR A 591 -27.25 16.41 20.34
C THR A 591 -27.29 14.91 20.00
N SER A 592 -27.20 14.56 18.73
CA SER A 592 -27.16 13.15 18.26
C SER A 592 -26.07 12.36 19.00
N ARG A 593 -24.87 12.93 19.14
CA ARG A 593 -23.69 12.27 19.74
C ARG A 593 -23.93 12.15 21.26
N ALA A 594 -24.41 13.20 21.92
CA ALA A 594 -24.68 13.15 23.38
C ALA A 594 -25.69 12.04 23.71
N THR A 595 -26.77 11.89 22.93
CA THR A 595 -27.78 10.82 23.17
C THR A 595 -27.19 9.42 22.93
N TRP A 596 -26.41 9.28 21.87
CA TRP A 596 -25.66 8.05 21.57
C TRP A 596 -24.78 7.68 22.77
N ALA A 597 -23.95 8.60 23.25
CA ALA A 597 -23.01 8.31 24.35
C ALA A 597 -23.76 7.94 25.63
N LYS A 598 -24.76 8.75 25.98
CA LYS A 598 -25.55 8.53 27.22
C LYS A 598 -26.23 7.17 27.18
N ASN A 599 -26.79 6.77 26.04
CA ASN A 599 -27.63 5.55 25.91
C ASN A 599 -26.80 4.38 25.33
N ILE A 600 -25.48 4.41 25.44
CA ILE A 600 -24.63 3.44 24.67
C ILE A 600 -24.92 1.97 25.10
N GLN A 601 -25.23 1.75 26.39
N GLN A 601 -25.24 1.74 26.38
CA GLN A 601 -25.51 0.38 26.91
CA GLN A 601 -25.51 0.39 26.92
C GLN A 601 -26.75 -0.20 26.20
C GLN A 601 -26.75 -0.20 26.22
N THR A 602 -27.72 0.63 25.84
CA THR A 602 -28.91 0.18 25.06
C THR A 602 -28.48 -0.34 23.66
N ALA A 603 -27.53 0.33 23.00
CA ALA A 603 -27.04 -0.06 21.68
C ALA A 603 -26.25 -1.35 21.82
N ILE A 604 -25.38 -1.40 22.83
CA ILE A 604 -24.58 -2.62 23.14
C ILE A 604 -25.54 -3.79 23.34
N ASN A 605 -26.62 -3.59 24.13
CA ASN A 605 -27.58 -4.68 24.47
C ASN A 605 -28.37 -5.08 23.21
N GLN A 606 -28.63 -4.16 22.28
CA GLN A 606 -29.31 -4.52 21.00
C GLN A 606 -28.44 -5.52 20.23
N VAL A 607 -27.14 -5.26 20.12
CA VAL A 607 -26.22 -6.13 19.35
C VAL A 607 -26.02 -7.46 20.13
N ARG A 608 -25.87 -7.42 21.45
CA ARG A 608 -25.78 -8.66 22.28
C ARG A 608 -27.01 -9.55 22.08
N SER A 609 -28.19 -8.96 22.00
CA SER A 609 -29.45 -9.72 21.80
C SER A 609 -29.47 -10.38 20.43
N LEU A 610 -28.91 -9.74 19.39
CA LEU A 610 -28.87 -10.31 18.03
C LEU A 610 -27.88 -11.50 17.99
N ILE A 611 -26.71 -11.34 18.59
CA ILE A 611 -25.64 -12.37 18.59
C ILE A 611 -26.10 -13.55 19.48
N GLY A 612 -26.69 -13.25 20.64
CA GLY A 612 -27.36 -14.22 21.53
C GLY A 612 -26.65 -14.41 22.85
N ASN A 613 -26.87 -15.56 23.50
CA ASN A 613 -26.36 -15.82 24.87
C ASN A 613 -24.91 -16.31 24.79
N GLU A 614 -23.98 -15.40 24.98
CA GLU A 614 -22.54 -15.61 24.79
C GLU A 614 -21.88 -14.95 26.00
N GLU A 615 -20.57 -15.14 26.18
CA GLU A 615 -19.84 -14.42 27.27
C GLU A 615 -19.39 -13.06 26.72
N TYR A 616 -19.78 -11.98 27.38
CA TYR A 616 -19.43 -10.58 27.04
C TYR A 616 -18.76 -9.93 28.24
N THR A 617 -17.89 -8.95 27.97
CA THR A 617 -17.22 -8.04 28.94
C THR A 617 -17.74 -6.62 28.74
N ASP A 618 -18.03 -5.91 29.82
CA ASP A 618 -18.36 -4.46 29.77
C ASP A 618 -17.04 -3.68 29.79
N TYR A 619 -16.62 -3.10 28.66
CA TYR A 619 -15.42 -2.23 28.63
C TYR A 619 -15.78 -0.76 28.88
N MET A 620 -17.05 -0.38 28.94
CA MET A 620 -17.40 1.06 28.99
C MET A 620 -16.82 1.75 30.24
N PRO A 621 -16.84 1.14 31.46
CA PRO A 621 -16.23 1.75 32.64
C PRO A 621 -14.70 1.95 32.62
N SER A 622 -14.00 1.54 31.56
CA SER A 622 -12.61 1.94 31.26
C SER A 622 -12.52 3.44 30.95
N MET A 623 -13.66 4.10 30.70
CA MET A 623 -13.74 5.56 30.46
C MET A 623 -14.35 6.23 31.69
N LYS A 624 -13.77 7.36 32.10
CA LYS A 624 -14.19 8.18 33.28
C LYS A 624 -15.72 8.31 33.33
N ARG A 625 -16.38 8.71 32.25
CA ARG A 625 -17.82 9.11 32.29
C ARG A 625 -18.72 7.89 32.60
N PHE A 626 -18.31 6.65 32.29
CA PHE A 626 -19.10 5.42 32.56
C PHE A 626 -18.60 4.80 33.88
N ARG A 627 -17.38 5.13 34.33
CA ARG A 627 -16.81 4.55 35.58
C ARG A 627 -17.72 5.00 36.72
N ARG A 628 -18.95 4.46 36.77
CA ARG A 628 -20.13 4.98 37.51
C ARG A 628 -20.52 6.36 36.93
ZN ZN B . -6.18 15.05 13.10
ZN ZN C . 5.81 -17.34 -17.88
O1 MES D . -27.79 -9.47 11.52
O1 MES D . -27.85 -9.33 11.38
C2 MES D . -29.02 -9.04 10.96
C2 MES D . -29.01 -8.64 10.94
C3 MES D . -28.84 -7.82 10.11
C3 MES D . -28.71 -7.22 10.51
N4 MES D . -28.24 -6.71 10.91
N4 MES D . -28.05 -6.49 11.63
C5 MES D . -26.99 -7.19 11.56
C5 MES D . -26.81 -7.24 11.97
C6 MES D . -27.25 -8.44 12.34
C6 MES D . -27.18 -8.63 12.41
C7 MES D . -27.99 -5.49 10.06
C7 MES D . -27.78 -5.03 11.38
C8 MES D . -27.92 -4.21 10.87
C8 MES D . -27.87 -4.60 9.93
S MES D . -27.86 -2.77 9.83
S MES D . -28.03 -2.82 9.76
O1S MES D . -29.16 -2.17 9.89
O1S MES D . -28.94 -2.41 10.79
O2S MES D . -26.84 -1.92 10.39
O2S MES D . -26.71 -2.27 9.93
O3S MES D . -27.53 -3.23 8.51
O3S MES D . -28.56 -2.63 8.44
S DMS E . -11.56 -2.55 24.58
O DMS E . -10.80 -1.92 25.80
C1 DMS E . -10.61 -3.92 24.06
C2 DMS E . -11.13 -1.39 23.29
S DMS F . -8.62 11.43 30.21
O DMS F . -7.96 10.48 29.25
C1 DMS F . -10.13 10.64 30.70
C2 DMS F . -9.31 12.75 29.27
S DMS G . -8.71 -4.11 9.59
O DMS G . -7.75 -5.07 10.23
C1 DMS G . -7.72 -2.74 9.08
C2 DMS G . -9.50 -3.32 10.94
P PO4 H . 1.92 12.54 -0.53
O1 PO4 H . 0.95 14.00 -0.53
O2 PO4 H . 3.28 12.72 -1.58
O3 PO4 H . 2.60 12.31 0.98
O4 PO4 H . 1.03 11.49 -0.97
C1 PEG I . -18.32 17.87 6.00
O1 PEG I . -19.43 18.56 5.47
C2 PEG I . -18.39 17.71 7.49
O2 PEG I . -17.96 18.90 8.15
C3 PEG I . -17.51 18.66 9.49
C4 PEG I . -17.47 19.95 10.25
O4 PEG I . -18.56 20.06 11.15
P PO4 J . 21.92 -8.43 -16.95
O1 PO4 J . 20.63 -7.88 -17.58
O2 PO4 J . 23.06 -7.37 -16.98
O3 PO4 J . 21.61 -8.86 -15.48
O4 PO4 J . 22.39 -9.65 -17.78
C1 PEG K . 15.07 5.99 15.48
O1 PEG K . 14.63 4.71 15.87
C2 PEG K . 15.90 6.63 16.51
O2 PEG K . 15.16 6.70 17.73
C3 PEG K . 15.94 7.17 18.84
C4 PEG K . 15.53 8.57 19.18
O4 PEG K . 15.16 8.70 20.55
N1 O1M L . 2.76 1.49 5.23
C4 O1M L . 2.03 1.97 4.05
C5 O1M L . -1.29 2.72 5.48
C6 O1M L . -1.79 3.51 4.45
C7 O1M L . -3.10 3.96 4.46
C8 O1M L . -3.88 3.64 5.53
C10 O1M L . -2.13 2.41 6.55
N O1M L . 4.96 1.50 6.20
C O1M L . 4.20 1.55 5.10
O O1M L . 4.70 1.68 3.96
C1 O1M L . 2.23 2.01 6.50
C2 O1M L . 0.74 1.74 6.61
C3 O1M L . 0.56 1.70 4.19
C9 O1M L . -3.44 2.88 6.58
F O1M L . -5.17 4.10 5.55
N2 O1M L . 0.03 2.27 5.44
#